data_2ABS
#
_entry.id   2ABS
#
_cell.length_a   60.051
_cell.length_b   67.923
_cell.length_c   83.192
_cell.angle_alpha   90.00
_cell.angle_beta   90.00
_cell.angle_gamma   90.00
#
_symmetry.space_group_name_H-M   'P 21 21 21'
#
loop_
_entity.id
_entity.type
_entity.pdbx_description
1 polymer 'adenosine kinase'
2 non-polymer 'CHLORIDE ION'
3 non-polymer 'SODIUM ION'
4 non-polymer 'PHOSPHOMETHYLPHOSPHONIC ACID ADENYLATE ESTER'
5 water water
#
_entity_poly.entity_id   1
_entity_poly.type   'polypeptide(L)'
_entity_poly.pdbx_seq_one_letter_code
;MGSSHHHHHHSSGLVPRGSHMAVDSSNSATGPMRVFAIGNPILDLVAEVPSSFLDEFFLKRGDATLATPEQMRIYSTLDQ
FNPTSLPGGSALNSVRVVQKLLRKPGSAGYMGAIGDDPRGQVLKELCDKEGLATRFMVAPGQSTGVCAVLINEKERTLCT
HLGACGSFRLPEDWTTFASGALIFYATAYTLTATPKNALEVAGYAHGIPNAIFTLNLSAPFCVELYKDAMQSLLLHTNIL
FGNEEEFAHLAKVHNLVAAEKTALSTANKEHAVEVCTGALRLLTAGQNTSATKLVVMTRGHNPVIAAEQTADGTVVVHEV
GVPVVAAEKIVDTNGAGDAFVGGFLYALSQGKTVKQCIMCGNACAQDVIQHVGFSLSFTFTSG
;
_entity_poly.pdbx_strand_id   A
#
# COMPACT_ATOMS: atom_id res chain seq x y z
N THR A 30 -20.49 6.59 -9.27
CA THR A 30 -20.46 7.50 -10.43
C THR A 30 -19.11 8.20 -10.62
N GLY A 31 -18.24 8.23 -9.61
CA GLY A 31 -16.97 8.87 -9.72
C GLY A 31 -17.02 10.37 -9.89
N PRO A 32 -16.09 10.93 -10.66
CA PRO A 32 -15.07 10.22 -11.43
C PRO A 32 -13.95 9.59 -10.62
N MET A 33 -13.58 8.43 -11.09
CA MET A 33 -12.45 7.69 -10.50
C MET A 33 -11.16 8.38 -10.86
N ARG A 34 -10.37 8.77 -9.83
CA ARG A 34 -9.14 9.47 -10.03
C ARG A 34 -7.91 8.58 -9.79
N VAL A 35 -8.05 7.55 -8.99
CA VAL A 35 -6.97 6.63 -8.66
C VAL A 35 -7.52 5.21 -8.72
N PHE A 36 -6.78 4.34 -9.40
CA PHE A 36 -7.08 2.92 -9.45
C PHE A 36 -5.89 2.15 -8.89
N ALA A 37 -6.17 1.17 -8.02
CA ALA A 37 -5.12 0.35 -7.46
C ALA A 37 -5.45 -1.14 -7.53
N ILE A 38 -4.41 -1.95 -7.52
CA ILE A 38 -4.49 -3.37 -7.22
C ILE A 38 -3.75 -3.64 -5.93
N GLY A 39 -4.20 -4.66 -5.23
CA GLY A 39 -3.61 -5.01 -3.96
C GLY A 39 -4.08 -6.36 -3.46
N ASN A 40 -3.66 -6.62 -2.22
CA ASN A 40 -4.06 -7.81 -1.45
C ASN A 40 -5.03 -7.38 -0.39
N PRO A 41 -6.32 -7.57 -0.54
N PRO A 41 -6.32 -7.47 -0.63
CA PRO A 41 -7.27 -7.06 0.47
CA PRO A 41 -7.30 -6.95 0.34
C PRO A 41 -7.43 -8.02 1.64
C PRO A 41 -7.36 -7.90 1.54
N ILE A 42 -7.28 -7.44 2.82
N ILE A 42 -7.47 -7.32 2.71
CA ILE A 42 -7.21 -8.19 4.07
CA ILE A 42 -7.50 -8.01 3.98
C ILE A 42 -8.18 -7.60 5.08
C ILE A 42 -8.68 -7.49 4.78
N LEU A 43 -9.04 -8.49 5.62
N LEU A 43 -9.31 -8.39 5.53
CA LEU A 43 -9.99 -8.07 6.63
CA LEU A 43 -10.21 -7.94 6.58
C LEU A 43 -9.28 -8.05 7.97
C LEU A 43 -9.42 -7.98 7.89
N ASP A 44 -9.28 -6.88 8.59
CA ASP A 44 -8.72 -6.76 9.93
C ASP A 44 -9.80 -7.06 10.96
N LEU A 45 -9.43 -7.81 11.97
CA LEU A 45 -10.29 -8.14 13.12
C LEU A 45 -9.59 -7.53 14.35
N VAL A 46 -10.16 -6.48 14.90
CA VAL A 46 -9.49 -5.68 15.90
C VAL A 46 -10.07 -5.93 17.31
N ALA A 47 -9.24 -6.31 18.27
CA ALA A 47 -9.70 -6.48 19.63
C ALA A 47 -8.58 -6.25 20.61
N GLU A 48 -8.94 -5.64 21.76
CA GLU A 48 -8.09 -5.66 22.92
C GLU A 48 -8.18 -7.07 23.48
N VAL A 49 -7.06 -7.70 23.79
CA VAL A 49 -7.04 -9.07 24.27
C VAL A 49 -6.18 -9.19 25.52
N PRO A 50 -6.41 -10.18 26.37
CA PRO A 50 -5.51 -10.45 27.50
C PRO A 50 -4.22 -11.07 27.01
N SER A 51 -3.17 -10.90 27.81
CA SER A 51 -1.87 -11.45 27.42
C SER A 51 -1.92 -12.96 27.29
N SER A 52 -2.80 -13.58 28.04
CA SER A 52 -2.99 -15.02 27.86
C SER A 52 -3.34 -15.44 26.45
N PHE A 53 -4.07 -14.62 25.74
CA PHE A 53 -4.47 -15.01 24.37
C PHE A 53 -3.25 -15.01 23.49
N LEU A 54 -2.37 -14.04 23.69
N LEU A 54 -2.33 -14.08 23.63
CA LEU A 54 -1.12 -13.97 22.94
CA LEU A 54 -1.11 -14.10 22.82
C LEU A 54 -0.36 -15.26 23.15
C LEU A 54 -0.33 -15.36 23.11
N ASP A 55 -0.30 -15.66 24.42
CA ASP A 55 0.45 -16.85 24.80
C ASP A 55 -0.16 -18.15 24.27
N GLU A 56 -1.48 -18.19 24.23
CA GLU A 56 -2.19 -19.36 23.75
C GLU A 56 -1.74 -19.67 22.32
N PHE A 57 -1.49 -18.65 21.53
CA PHE A 57 -1.17 -18.84 20.13
C PHE A 57 0.29 -18.55 19.87
N PHE A 58 1.14 -18.52 20.91
CA PHE A 58 2.58 -18.35 20.79
C PHE A 58 2.99 -17.13 19.97
N LEU A 59 2.24 -16.05 20.17
CA LEU A 59 2.53 -14.79 19.52
C LEU A 59 3.43 -13.96 20.43
N LYS A 60 4.35 -13.28 19.79
CA LYS A 60 5.23 -12.31 20.47
C LYS A 60 4.65 -10.90 20.37
N ARG A 61 4.41 -10.26 21.51
CA ARG A 61 3.77 -8.96 21.51
C ARG A 61 4.54 -8.00 20.63
N GLY A 62 3.80 -7.29 19.81
CA GLY A 62 4.36 -6.31 18.92
C GLY A 62 4.91 -6.78 17.63
N ASP A 63 4.94 -8.09 17.38
CA ASP A 63 5.40 -8.59 16.07
C ASP A 63 4.22 -8.71 15.12
N ALA A 64 4.52 -8.62 13.84
CA ALA A 64 3.66 -8.82 12.70
C ALA A 64 4.11 -10.09 11.98
N THR A 65 3.29 -11.12 11.95
CA THR A 65 3.68 -12.37 11.36
C THR A 65 2.58 -12.91 10.49
N LEU A 66 2.93 -13.97 9.72
CA LEU A 66 1.96 -14.73 8.95
C LEU A 66 1.55 -15.93 9.77
N ALA A 67 0.28 -16.28 9.76
CA ALA A 67 -0.27 -17.33 10.57
C ALA A 67 0.38 -18.66 10.24
N THR A 68 0.76 -19.37 11.28
CA THR A 68 1.12 -20.76 11.17
C THR A 68 -0.12 -21.65 11.18
N PRO A 69 -0.02 -22.92 10.84
CA PRO A 69 -1.22 -23.76 10.82
C PRO A 69 -1.94 -23.78 12.16
N GLU A 70 -1.20 -23.87 13.28
CA GLU A 70 -1.90 -23.88 14.57
C GLU A 70 -2.55 -22.54 14.87
N GLN A 71 -2.10 -21.46 14.27
CA GLN A 71 -2.69 -20.14 14.49
C GLN A 71 -3.92 -19.88 13.63
N MET A 72 -4.18 -20.76 12.69
N MET A 72 -4.22 -20.76 12.68
CA MET A 72 -5.35 -20.68 11.83
CA MET A 72 -5.44 -20.49 11.91
C MET A 72 -6.65 -20.64 12.62
C MET A 72 -6.68 -20.48 12.75
N ARG A 73 -6.63 -21.12 13.84
N ARG A 73 -6.69 -21.18 13.86
CA ARG A 73 -7.67 -21.18 14.86
CA ARG A 73 -7.87 -21.16 14.75
C ARG A 73 -8.02 -19.82 15.44
C ARG A 73 -8.07 -19.82 15.42
N ILE A 74 -7.07 -18.89 15.51
N ILE A 74 -7.12 -18.91 15.28
CA ILE A 74 -7.32 -17.52 15.93
CA ILE A 74 -7.25 -17.65 16.02
C ILE A 74 -8.53 -16.95 15.22
C ILE A 74 -8.44 -16.84 15.52
N TYR A 75 -8.62 -17.18 13.90
N TYR A 75 -8.73 -16.91 14.23
CA TYR A 75 -9.68 -16.52 13.12
CA TYR A 75 -9.73 -15.95 13.69
C TYR A 75 -11.06 -17.01 13.44
C TYR A 75 -11.09 -16.21 14.23
N SER A 76 -11.16 -18.14 14.11
N SER A 76 -11.42 -17.47 14.37
CA SER A 76 -12.47 -18.65 14.48
CA SER A 76 -12.70 -17.83 14.97
C SER A 76 -12.68 -18.68 15.98
C SER A 76 -12.73 -17.63 16.48
N THR A 77 -11.81 -18.11 16.82
N THR A 77 -11.63 -18.01 17.13
CA THR A 77 -12.01 -18.04 18.25
CA THR A 77 -11.57 -17.86 18.56
C THR A 77 -11.84 -16.64 18.84
C THR A 77 -11.54 -16.39 19.00
N LEU A 78 -11.48 -15.62 18.07
N LEU A 78 -11.26 -15.47 18.09
CA LEU A 78 -11.36 -14.24 18.55
CA LEU A 78 -11.33 -14.06 18.34
C LEU A 78 -12.74 -13.67 18.80
C LEU A 78 -12.74 -13.55 18.61
N ASP A 79 -13.76 -14.32 18.23
CA ASP A 79 -15.13 -13.86 18.36
C ASP A 79 -15.52 -13.58 19.84
N GLN A 80 -14.93 -14.26 20.79
CA GLN A 80 -15.17 -14.03 22.19
C GLN A 80 -14.93 -12.61 22.61
N PHE A 81 -14.09 -11.87 21.92
CA PHE A 81 -13.76 -10.51 22.27
C PHE A 81 -14.64 -9.51 21.56
N ASN A 82 -15.58 -9.89 20.76
CA ASN A 82 -16.42 -8.96 19.97
C ASN A 82 -15.55 -8.05 19.12
N PRO A 83 -14.71 -8.65 18.29
CA PRO A 83 -13.77 -7.83 17.48
C PRO A 83 -14.53 -7.02 16.48
N THR A 84 -13.90 -5.90 16.08
CA THR A 84 -14.43 -5.06 15.03
C THR A 84 -13.77 -5.39 13.70
N SER A 85 -14.55 -5.63 12.69
CA SER A 85 -14.06 -5.89 11.34
C SER A 85 -13.81 -4.59 10.61
N LEU A 86 -12.68 -4.46 9.93
CA LEU A 86 -12.33 -3.28 9.17
C LEU A 86 -11.60 -3.67 7.90
N PRO A 87 -11.69 -2.88 6.83
CA PRO A 87 -10.83 -3.14 5.68
C PRO A 87 -9.38 -2.96 6.08
N GLY A 88 -8.48 -3.67 5.40
CA GLY A 88 -7.06 -3.54 5.57
C GLY A 88 -6.34 -4.04 4.33
N GLY A 89 -5.03 -4.11 4.46
CA GLY A 89 -4.14 -4.31 3.36
C GLY A 89 -3.57 -3.00 2.89
N SER A 90 -2.30 -3.01 2.46
CA SER A 90 -1.59 -1.76 2.22
C SER A 90 -2.23 -0.93 1.14
N ALA A 91 -2.40 -1.45 -0.10
CA ALA A 91 -2.99 -0.66 -1.16
C ALA A 91 -4.41 -0.28 -0.85
N LEU A 92 -5.19 -1.15 -0.23
CA LEU A 92 -6.56 -0.86 0.10
C LEU A 92 -6.60 0.33 1.05
N ASN A 93 -5.75 0.32 2.05
CA ASN A 93 -5.72 1.43 2.98
C ASN A 93 -5.35 2.73 2.27
N SER A 94 -4.38 2.68 1.36
CA SER A 94 -4.03 3.90 0.63
C SER A 94 -5.16 4.47 -0.20
N VAL A 95 -5.89 3.60 -0.92
CA VAL A 95 -7.05 4.13 -1.66
C VAL A 95 -8.19 4.53 -0.75
N ARG A 96 -8.30 4.00 0.45
N ARG A 96 -8.32 3.96 0.43
CA ARG A 96 -9.33 4.47 1.38
CA ARG A 96 -9.34 4.46 1.38
C ARG A 96 -9.03 5.90 1.81
C ARG A 96 -9.02 5.91 1.76
N VAL A 97 -7.77 6.29 1.87
CA VAL A 97 -7.38 7.67 2.14
C VAL A 97 -7.84 8.55 1.01
N VAL A 98 -7.52 8.15 -0.23
CA VAL A 98 -7.92 8.91 -1.42
C VAL A 98 -9.41 9.10 -1.44
N GLN A 99 -10.18 8.02 -1.22
CA GLN A 99 -11.62 8.07 -1.21
C GLN A 99 -12.15 9.00 -0.10
N LYS A 100 -11.58 8.91 1.08
N LYS A 100 -11.60 8.93 1.09
CA LYS A 100 -12.00 9.76 2.18
CA LYS A 100 -12.04 9.77 2.18
C LYS A 100 -11.84 11.24 1.78
C LYS A 100 -11.84 11.25 1.80
N LEU A 101 -10.69 11.55 1.20
CA LEU A 101 -10.36 12.95 0.91
C LEU A 101 -11.11 13.50 -0.28
N LEU A 102 -11.37 12.70 -1.27
CA LEU A 102 -12.13 13.12 -2.43
C LEU A 102 -13.65 13.07 -2.15
N ARG A 103 -14.10 12.25 -1.27
CA ARG A 103 -15.48 12.15 -0.74
C ARG A 103 -16.50 11.61 -1.73
N LYS A 104 -16.50 12.04 -2.98
N LYS A 104 -16.53 12.07 -2.97
CA LYS A 104 -17.53 11.57 -3.89
CA LYS A 104 -17.58 11.63 -3.88
C LYS A 104 -17.50 10.07 -4.06
C LYS A 104 -17.54 10.12 -4.09
N PRO A 105 -18.65 9.41 -4.11
CA PRO A 105 -18.60 7.94 -4.34
C PRO A 105 -17.84 7.58 -5.58
N GLY A 106 -16.97 6.54 -5.45
CA GLY A 106 -16.25 6.04 -6.60
C GLY A 106 -15.07 6.88 -7.08
N SER A 107 -14.54 7.69 -6.26
CA SER A 107 -13.35 8.49 -6.43
C SER A 107 -12.07 7.65 -6.51
N ALA A 108 -12.00 6.51 -5.85
CA ALA A 108 -10.90 5.60 -6.00
C ALA A 108 -11.53 4.26 -6.30
N GLY A 109 -10.79 3.46 -7.08
CA GLY A 109 -11.14 2.13 -7.36
C GLY A 109 -10.05 1.13 -7.03
N TYR A 110 -10.45 -0.11 -6.86
CA TYR A 110 -9.58 -1.14 -6.34
C TYR A 110 -10.04 -2.52 -6.84
N MET A 111 -9.05 -3.34 -7.18
CA MET A 111 -9.27 -4.77 -7.40
C MET A 111 -8.24 -5.60 -6.64
N GLY A 112 -8.70 -6.78 -6.20
CA GLY A 112 -7.92 -7.82 -5.62
C GLY A 112 -8.81 -9.05 -5.42
N ALA A 113 -8.26 -10.09 -4.83
CA ALA A 113 -9.01 -11.33 -4.65
C ALA A 113 -9.41 -11.55 -3.21
N ILE A 114 -10.65 -12.02 -3.04
CA ILE A 114 -11.22 -12.47 -1.80
C ILE A 114 -11.59 -13.96 -1.96
N GLY A 115 -11.90 -14.58 -0.82
CA GLY A 115 -12.33 -15.96 -0.81
C GLY A 115 -13.83 -16.08 -0.92
N ASP A 116 -14.30 -17.29 -0.61
CA ASP A 116 -15.70 -17.63 -0.77
C ASP A 116 -16.44 -17.59 0.51
N ASP A 117 -15.87 -16.98 1.56
CA ASP A 117 -16.32 -17.08 2.93
C ASP A 117 -16.97 -15.80 3.44
N PRO A 118 -17.57 -15.85 4.64
CA PRO A 118 -18.27 -14.65 5.17
C PRO A 118 -17.43 -13.42 5.25
N ARG A 119 -16.14 -13.55 5.60
CA ARG A 119 -15.35 -12.33 5.78
C ARG A 119 -15.17 -11.58 4.47
N GLY A 120 -15.17 -12.29 3.33
CA GLY A 120 -15.08 -11.56 2.07
C GLY A 120 -16.33 -10.74 1.81
N GLN A 121 -17.49 -11.24 2.20
CA GLN A 121 -18.72 -10.50 2.04
C GLN A 121 -18.72 -9.26 2.95
N VAL A 122 -18.23 -9.43 4.17
CA VAL A 122 -18.09 -8.30 5.11
C VAL A 122 -17.17 -7.26 4.53
N LEU A 123 -16.03 -7.68 4.01
CA LEU A 123 -15.09 -6.72 3.47
C LEU A 123 -15.71 -5.88 2.36
N LYS A 124 -16.41 -6.57 1.45
CA LYS A 124 -17.11 -5.83 0.37
C LYS A 124 -18.07 -4.81 0.91
N GLU A 125 -18.87 -5.19 1.91
CA GLU A 125 -19.83 -4.25 2.47
C GLU A 125 -19.14 -3.03 3.10
N LEU A 126 -18.04 -3.27 3.77
CA LEU A 126 -17.32 -2.14 4.41
C LEU A 126 -16.75 -1.21 3.39
N CYS A 127 -16.23 -1.73 2.29
CA CYS A 127 -15.72 -0.88 1.24
C CYS A 127 -16.85 -0.11 0.53
N ASP A 128 -17.98 -0.77 0.31
CA ASP A 128 -19.11 -0.09 -0.31
C ASP A 128 -19.58 1.05 0.56
N LYS A 129 -19.60 0.90 1.88
N LYS A 129 -19.61 0.80 1.87
CA LYS A 129 -20.06 1.98 2.78
CA LYS A 129 -20.00 1.81 2.87
C LYS A 129 -19.19 3.19 2.67
C LYS A 129 -19.22 3.08 2.59
N GLU A 130 -17.89 2.94 2.49
CA GLU A 130 -16.97 4.06 2.35
C GLU A 130 -17.00 4.70 1.00
N GLY A 131 -17.70 4.14 0.02
CA GLY A 131 -17.84 4.68 -1.29
C GLY A 131 -16.77 4.27 -2.26
N LEU A 132 -15.87 3.39 -1.88
CA LEU A 132 -14.86 2.94 -2.80
C LEU A 132 -15.50 2.17 -3.94
N ALA A 133 -15.01 2.27 -5.14
CA ALA A 133 -15.36 1.36 -6.21
C ALA A 133 -14.46 0.14 -6.11
N THR A 134 -15.06 -1.03 -5.99
CA THR A 134 -14.25 -2.24 -5.85
C THR A 134 -14.78 -3.31 -6.80
N ARG A 135 -13.88 -4.13 -7.30
N ARG A 135 -13.92 -4.15 -7.30
CA ARG A 135 -14.27 -5.43 -7.83
CA ARG A 135 -14.32 -5.45 -7.87
C ARG A 135 -13.35 -6.48 -7.22
C ARG A 135 -13.41 -6.50 -7.26
N PHE A 136 -13.92 -7.32 -6.39
CA PHE A 136 -13.15 -8.37 -5.77
C PHE A 136 -13.33 -9.64 -6.58
N MET A 137 -12.22 -10.23 -7.01
N MET A 137 -12.28 -10.19 -7.11
CA MET A 137 -12.18 -11.56 -7.59
CA MET A 137 -12.33 -11.52 -7.70
C MET A 137 -12.66 -12.53 -6.50
C MET A 137 -12.62 -12.52 -6.63
N VAL A 138 -13.52 -13.46 -6.87
CA VAL A 138 -13.83 -14.52 -5.94
C VAL A 138 -12.96 -15.73 -6.29
N ALA A 139 -12.28 -16.22 -5.27
CA ALA A 139 -11.42 -17.39 -5.37
C ALA A 139 -12.09 -18.58 -4.64
N PRO A 140 -12.84 -19.39 -5.36
CA PRO A 140 -13.51 -20.52 -4.69
C PRO A 140 -12.55 -21.44 -4.00
N GLY A 141 -12.91 -21.90 -2.82
CA GLY A 141 -12.05 -22.81 -2.09
C GLY A 141 -10.99 -22.16 -1.25
N GLN A 142 -10.89 -20.84 -1.33
N GLN A 142 -10.82 -20.85 -1.35
CA GLN A 142 -9.94 -20.04 -0.58
CA GLN A 142 -9.90 -20.09 -0.53
C GLN A 142 -10.67 -19.13 0.40
C GLN A 142 -10.67 -19.24 0.45
N SER A 143 -10.01 -18.86 1.53
CA SER A 143 -10.54 -17.95 2.50
C SER A 143 -9.96 -16.56 2.25
N THR A 144 -10.76 -15.55 2.56
CA THR A 144 -10.37 -14.15 2.44
C THR A 144 -9.21 -13.85 3.31
N GLY A 145 -8.29 -13.03 2.81
CA GLY A 145 -7.17 -12.58 3.63
C GLY A 145 -7.70 -11.93 4.91
N VAL A 146 -7.06 -12.25 6.03
CA VAL A 146 -7.54 -11.81 7.32
C VAL A 146 -6.38 -11.56 8.22
N CYS A 147 -6.48 -10.54 9.04
CA CYS A 147 -5.46 -10.16 9.99
C CYS A 147 -6.08 -9.98 11.37
N ALA A 148 -5.58 -10.76 12.32
CA ALA A 148 -5.94 -10.58 13.73
C ALA A 148 -5.08 -9.44 14.26
N VAL A 149 -5.74 -8.37 14.66
CA VAL A 149 -5.12 -7.17 15.16
C VAL A 149 -5.38 -7.17 16.68
N LEU A 150 -4.33 -7.59 17.40
CA LEU A 150 -4.45 -7.89 18.80
C LEU A 150 -3.81 -6.73 19.60
N ILE A 151 -4.63 -5.97 20.28
CA ILE A 151 -4.19 -4.80 21.05
C ILE A 151 -3.99 -5.27 22.47
N ASN A 152 -2.81 -4.98 23.01
CA ASN A 152 -2.45 -5.43 24.32
C ASN A 152 -1.20 -4.69 24.79
N GLU A 153 -1.24 -4.13 25.99
CA GLU A 153 -0.14 -3.47 26.63
C GLU A 153 0.45 -2.39 25.73
N LYS A 154 -0.42 -1.60 25.09
CA LYS A 154 -0.03 -0.44 24.27
C LYS A 154 0.74 -0.83 23.02
N GLU A 155 0.64 -2.13 22.67
CA GLU A 155 1.25 -2.65 21.47
C GLU A 155 0.23 -3.32 20.55
N ARG A 156 0.67 -3.42 19.32
CA ARG A 156 -0.16 -3.93 18.22
C ARG A 156 0.49 -5.21 17.78
N THR A 157 -0.15 -6.35 17.88
CA THR A 157 0.37 -7.64 17.45
C THR A 157 -0.48 -8.19 16.33
N LEU A 158 0.14 -8.52 15.22
CA LEU A 158 -0.60 -8.80 13.99
C LEU A 158 -0.32 -10.22 13.55
N CYS A 159 -1.36 -10.94 13.19
CA CYS A 159 -1.22 -12.30 12.69
C CYS A 159 -2.07 -12.47 11.44
N THR A 160 -1.46 -12.53 10.27
CA THR A 160 -2.15 -12.44 8.98
C THR A 160 -2.16 -13.76 8.23
N HIS A 161 -3.26 -14.12 7.66
CA HIS A 161 -3.35 -15.23 6.72
C HIS A 161 -3.75 -14.61 5.36
N LEU A 162 -2.86 -14.66 4.38
CA LEU A 162 -3.11 -14.01 3.12
C LEU A 162 -4.21 -14.68 2.30
N GLY A 163 -4.32 -16.01 2.43
CA GLY A 163 -5.46 -16.69 1.81
C GLY A 163 -5.60 -16.43 0.33
N ALA A 164 -6.80 -16.05 -0.08
CA ALA A 164 -7.16 -15.82 -1.45
C ALA A 164 -6.37 -14.76 -2.16
N CYS A 165 -5.70 -13.88 -1.43
N CYS A 165 -5.70 -13.83 -1.47
CA CYS A 165 -4.99 -12.78 -2.04
CA CYS A 165 -5.14 -12.75 -2.27
C CYS A 165 -4.05 -13.27 -3.13
C CYS A 165 -4.03 -13.27 -3.18
N GLY A 166 -3.41 -14.41 -2.93
CA GLY A 166 -2.46 -14.98 -3.84
C GLY A 166 -3.05 -15.53 -5.11
N SER A 167 -4.35 -15.56 -5.26
CA SER A 167 -5.04 -16.11 -6.40
C SER A 167 -5.47 -15.04 -7.40
N PHE A 168 -5.22 -13.78 -7.10
CA PHE A 168 -5.74 -12.72 -7.94
C PHE A 168 -5.17 -12.80 -9.35
N ARG A 169 -6.06 -12.64 -10.33
CA ARG A 169 -5.69 -12.47 -11.71
C ARG A 169 -6.56 -11.39 -12.27
N LEU A 170 -5.92 -10.30 -12.70
CA LEU A 170 -6.64 -9.13 -13.19
C LEU A 170 -7.59 -9.46 -14.31
N PRO A 171 -8.87 -9.11 -14.24
CA PRO A 171 -9.79 -9.33 -15.38
C PRO A 171 -9.45 -8.41 -16.54
N GLU A 172 -9.74 -8.88 -17.75
CA GLU A 172 -9.29 -8.12 -18.93
C GLU A 172 -10.07 -6.87 -19.14
N ASP A 173 -11.27 -6.73 -18.54
CA ASP A 173 -12.03 -5.48 -18.65
C ASP A 173 -11.73 -4.53 -17.52
N TRP A 174 -10.61 -4.71 -16.81
CA TRP A 174 -10.28 -3.77 -15.74
C TRP A 174 -10.15 -2.35 -16.22
N THR A 175 -9.72 -2.19 -17.50
CA THR A 175 -9.53 -0.85 -18.04
C THR A 175 -10.86 -0.10 -18.20
N THR A 176 -11.95 -0.85 -18.39
CA THR A 176 -13.25 -0.22 -18.38
C THR A 176 -13.68 0.16 -16.98
N PHE A 177 -13.45 -0.71 -16.00
CA PHE A 177 -13.67 -0.36 -14.60
C PHE A 177 -12.92 0.91 -14.21
N ALA A 178 -11.68 1.06 -14.67
CA ALA A 178 -10.84 2.20 -14.34
C ALA A 178 -10.91 3.34 -15.33
N SER A 179 -11.91 3.35 -16.20
N SER A 179 -11.91 3.36 -16.17
CA SER A 179 -11.95 4.38 -17.23
CA SER A 179 -12.03 4.36 -17.22
C SER A 179 -11.97 5.78 -16.61
C SER A 179 -11.99 5.76 -16.64
N GLY A 180 -11.18 6.62 -17.25
CA GLY A 180 -11.03 8.00 -16.84
C GLY A 180 -9.98 8.26 -15.80
N ALA A 181 -9.51 7.27 -15.08
CA ALA A 181 -8.45 7.46 -14.13
C ALA A 181 -7.11 7.69 -14.80
N LEU A 182 -6.30 8.57 -14.27
CA LEU A 182 -4.97 8.80 -14.78
C LEU A 182 -3.89 8.33 -13.82
N ILE A 183 -4.24 7.95 -12.60
CA ILE A 183 -3.28 7.52 -11.61
C ILE A 183 -3.55 6.07 -11.26
N PHE A 184 -2.53 5.25 -11.44
CA PHE A 184 -2.58 3.81 -11.23
C PHE A 184 -1.54 3.42 -10.19
N TYR A 185 -1.89 2.52 -9.29
CA TYR A 185 -1.02 2.17 -8.21
C TYR A 185 -1.03 0.70 -7.99
N ALA A 186 0.13 0.15 -7.70
CA ALA A 186 0.26 -1.22 -7.25
C ALA A 186 1.32 -1.27 -6.14
N THR A 187 1.09 -2.15 -5.20
CA THR A 187 2.13 -2.52 -4.24
C THR A 187 2.92 -3.68 -4.79
N ALA A 188 4.18 -3.75 -4.41
CA ALA A 188 4.99 -4.89 -4.75
C ALA A 188 4.51 -6.16 -4.03
N TYR A 189 3.68 -6.05 -3.01
CA TYR A 189 3.00 -7.20 -2.47
C TYR A 189 2.19 -7.93 -3.53
N THR A 190 1.70 -7.29 -4.54
CA THR A 190 0.92 -7.91 -5.58
C THR A 190 1.72 -8.88 -6.43
N LEU A 191 3.04 -8.80 -6.39
CA LEU A 191 3.86 -9.72 -7.18
C LEU A 191 3.72 -11.14 -6.70
N THR A 192 3.33 -11.35 -5.45
CA THR A 192 3.14 -12.70 -4.89
C THR A 192 2.12 -13.47 -5.71
N ALA A 193 0.96 -12.88 -6.00
CA ALA A 193 -0.04 -13.57 -6.84
C ALA A 193 0.55 -13.89 -8.16
N THR A 194 1.05 -12.85 -8.81
CA THR A 194 1.77 -12.94 -10.08
C THR A 194 2.22 -11.53 -10.45
N PRO A 195 3.43 -11.39 -10.95
CA PRO A 195 3.85 -10.08 -11.47
C PRO A 195 3.03 -9.65 -12.65
N LYS A 196 2.33 -10.53 -13.32
CA LYS A 196 1.58 -10.14 -14.46
C LYS A 196 0.54 -9.06 -14.18
N ASN A 197 -0.03 -9.08 -12.99
CA ASN A 197 -1.08 -8.12 -12.69
C ASN A 197 -0.52 -6.68 -12.72
N ALA A 198 0.54 -6.42 -11.98
CA ALA A 198 1.13 -5.11 -11.97
C ALA A 198 1.70 -4.78 -13.33
N LEU A 199 2.32 -5.73 -14.02
CA LEU A 199 2.86 -5.47 -15.34
C LEU A 199 1.77 -5.06 -16.30
N GLU A 200 0.60 -5.64 -16.22
CA GLU A 200 -0.50 -5.26 -17.10
C GLU A 200 -1.01 -3.86 -16.76
N VAL A 201 -1.10 -3.52 -15.48
CA VAL A 201 -1.52 -2.18 -15.11
C VAL A 201 -0.53 -1.13 -15.61
N ALA A 202 0.74 -1.38 -15.39
CA ALA A 202 1.80 -0.47 -15.82
C ALA A 202 1.83 -0.34 -17.32
N GLY A 203 1.65 -1.46 -18.02
CA GLY A 203 1.69 -1.42 -19.48
C GLY A 203 0.54 -0.66 -20.04
N TYR A 204 -0.64 -0.76 -19.46
N TYR A 204 -0.64 -0.76 -19.47
CA TYR A 204 -1.76 0.06 -19.93
CA TYR A 204 -1.75 0.05 -19.91
C TYR A 204 -1.48 1.55 -19.72
C TYR A 204 -1.50 1.54 -19.70
N ALA A 205 -1.06 1.87 -18.51
CA ALA A 205 -0.75 3.26 -18.18
C ALA A 205 0.25 3.85 -19.15
N HIS A 206 1.24 3.01 -19.49
CA HIS A 206 2.33 3.50 -20.37
C HIS A 206 1.79 4.01 -21.67
N GLY A 207 0.76 3.37 -22.21
CA GLY A 207 0.20 3.71 -23.48
C GLY A 207 -0.70 4.94 -23.49
N ILE A 208 -0.97 5.53 -22.33
CA ILE A 208 -1.87 6.65 -22.18
C ILE A 208 -1.05 7.89 -21.83
N PRO A 209 -0.90 8.86 -22.70
CA PRO A 209 -0.11 10.03 -22.38
C PRO A 209 -0.82 10.68 -21.17
N ASN A 210 0.01 11.10 -20.27
CA ASN A 210 -0.31 11.74 -18.99
C ASN A 210 -0.73 10.78 -17.87
N ALA A 211 -0.98 9.50 -18.15
N ALA A 211 -0.95 9.51 -18.20
CA ALA A 211 -1.31 8.64 -17.00
CA ALA A 211 -1.16 8.53 -17.15
C ALA A 211 -0.03 8.35 -16.22
C ALA A 211 0.14 8.37 -16.34
N ILE A 212 -0.24 7.93 -14.97
N ILE A 212 -0.07 8.09 -15.08
CA ILE A 212 0.92 7.78 -14.10
CA ILE A 212 0.98 7.90 -14.09
C ILE A 212 0.84 6.47 -13.34
C ILE A 212 0.83 6.48 -13.55
N PHE A 213 1.84 5.65 -13.56
CA PHE A 213 1.93 4.38 -12.83
C PHE A 213 2.86 4.56 -11.66
N THR A 214 2.37 4.15 -10.52
CA THR A 214 3.08 4.31 -9.26
C THR A 214 3.15 2.94 -8.58
N LEU A 215 4.28 2.74 -7.90
CA LEU A 215 4.64 1.47 -7.33
C LEU A 215 5.21 1.66 -5.93
N ASN A 216 4.84 0.76 -5.01
CA ASN A 216 5.44 0.73 -3.68
C ASN A 216 6.41 -0.46 -3.64
N LEU A 217 7.62 -0.26 -3.12
CA LEU A 217 8.52 -1.39 -2.85
C LEU A 217 8.00 -2.36 -1.84
N SER A 218 7.21 -1.98 -0.92
CA SER A 218 6.36 -2.67 0.04
C SER A 218 7.12 -3.33 1.15
N ALA A 219 8.17 -4.09 0.86
CA ALA A 219 8.87 -4.87 1.87
C ALA A 219 10.19 -5.34 1.28
N PRO A 220 11.19 -5.53 2.13
CA PRO A 220 12.44 -6.14 1.63
C PRO A 220 12.24 -7.45 0.88
N PHE A 221 11.35 -8.34 1.35
CA PHE A 221 11.26 -9.60 0.64
C PHE A 221 10.86 -9.38 -0.81
N CYS A 222 10.04 -8.37 -1.07
CA CYS A 222 9.53 -8.15 -2.42
C CYS A 222 10.71 -7.78 -3.32
N VAL A 223 11.58 -6.92 -2.76
CA VAL A 223 12.74 -6.43 -3.52
C VAL A 223 13.66 -7.59 -3.83
N GLU A 224 13.84 -8.48 -2.85
CA GLU A 224 14.86 -9.52 -2.99
C GLU A 224 14.37 -10.64 -3.90
N LEU A 225 13.07 -10.82 -3.89
N LEU A 225 13.09 -10.97 -3.90
CA LEU A 225 12.40 -11.96 -4.49
CA LEU A 225 12.57 -12.09 -4.66
C LEU A 225 12.06 -11.78 -5.95
C LEU A 225 12.24 -11.79 -6.11
N TYR A 226 11.87 -10.54 -6.39
CA TYR A 226 11.38 -10.14 -7.68
C TYR A 226 12.27 -9.16 -8.44
N LYS A 227 13.59 -9.39 -8.43
CA LYS A 227 14.52 -8.52 -9.14
C LYS A 227 14.15 -8.42 -10.61
N ASP A 228 13.91 -9.54 -11.29
CA ASP A 228 13.61 -9.48 -12.73
C ASP A 228 12.30 -8.79 -13.03
N ALA A 229 11.27 -9.15 -12.29
CA ALA A 229 9.97 -8.51 -12.54
C ALA A 229 10.05 -7.03 -12.17
N MET A 230 10.74 -6.73 -11.09
N MET A 230 10.76 -6.65 -11.12
CA MET A 230 10.85 -5.33 -10.68
CA MET A 230 10.88 -5.24 -10.82
C MET A 230 11.67 -4.55 -11.71
C MET A 230 11.70 -4.51 -11.86
N GLN A 231 12.73 -5.07 -12.31
N GLN A 231 12.74 -5.14 -12.40
CA GLN A 231 13.41 -4.30 -13.36
CA GLN A 231 13.51 -4.48 -13.45
C GLN A 231 12.43 -3.89 -14.47
C GLN A 231 12.60 -4.00 -14.58
N SER A 232 11.66 -4.86 -14.98
CA SER A 232 10.73 -4.51 -16.06
C SER A 232 9.68 -3.50 -15.59
N LEU A 233 9.11 -3.72 -14.40
CA LEU A 233 8.09 -2.85 -13.91
C LEU A 233 8.61 -1.44 -13.69
N LEU A 234 9.83 -1.35 -13.12
CA LEU A 234 10.37 -0.02 -12.88
C LEU A 234 10.60 0.80 -14.11
N LEU A 235 10.93 0.16 -15.22
CA LEU A 235 11.04 0.93 -16.47
C LEU A 235 9.70 1.50 -16.91
N HIS A 236 8.58 0.94 -16.40
CA HIS A 236 7.25 1.43 -16.70
C HIS A 236 6.71 2.22 -15.53
N THR A 237 7.51 2.63 -14.58
CA THR A 237 7.05 3.32 -13.39
C THR A 237 7.38 4.80 -13.46
N ASN A 238 6.41 5.62 -13.08
CA ASN A 238 6.55 7.04 -13.00
C ASN A 238 6.93 7.49 -11.60
N ILE A 239 6.34 6.95 -10.58
CA ILE A 239 6.63 7.30 -9.20
C ILE A 239 6.87 6.03 -8.43
N LEU A 240 8.01 5.92 -7.80
CA LEU A 240 8.37 4.80 -6.92
C LEU A 240 8.38 5.28 -5.48
N PHE A 241 7.66 4.61 -4.59
CA PHE A 241 7.64 4.87 -3.19
C PHE A 241 8.36 3.74 -2.44
N GLY A 242 9.07 4.07 -1.39
CA GLY A 242 9.58 3.06 -0.47
C GLY A 242 10.13 3.74 0.75
N ASN A 243 10.39 2.93 1.77
CA ASN A 243 11.02 3.43 2.99
C ASN A 243 12.52 3.16 2.95
N GLU A 244 13.21 3.57 4.01
CA GLU A 244 14.66 3.51 4.01
C GLU A 244 15.18 2.10 3.86
N GLU A 245 14.57 1.14 4.59
CA GLU A 245 15.06 -0.23 4.50
C GLU A 245 14.81 -0.84 3.12
N GLU A 246 13.67 -0.55 2.55
CA GLU A 246 13.34 -1.10 1.23
C GLU A 246 14.30 -0.58 0.18
N PHE A 247 14.63 0.71 0.27
CA PHE A 247 15.60 1.25 -0.67
C PHE A 247 17.00 0.70 -0.41
N ALA A 248 17.38 0.41 0.83
CA ALA A 248 18.69 -0.19 1.04
C ALA A 248 18.79 -1.54 0.32
N HIS A 249 17.73 -2.35 0.40
CA HIS A 249 17.72 -3.61 -0.31
C HIS A 249 17.69 -3.39 -1.82
N LEU A 250 16.92 -2.45 -2.33
CA LEU A 250 16.91 -2.18 -3.75
C LEU A 250 18.31 -1.84 -4.24
N ALA A 251 19.00 -1.01 -3.47
CA ALA A 251 20.36 -0.62 -3.81
C ALA A 251 21.30 -1.80 -3.83
N LYS A 252 21.15 -2.72 -2.90
CA LYS A 252 22.00 -3.92 -2.91
C LYS A 252 21.66 -4.86 -4.06
N VAL A 253 20.42 -5.18 -4.31
CA VAL A 253 19.95 -6.12 -5.30
C VAL A 253 20.27 -5.59 -6.69
N HIS A 254 20.13 -4.29 -6.94
CA HIS A 254 20.38 -3.70 -8.24
C HIS A 254 21.68 -2.91 -8.35
N ASN A 255 22.57 -2.98 -7.38
CA ASN A 255 23.91 -2.40 -7.38
C ASN A 255 23.92 -0.89 -7.58
N LEU A 256 23.04 -0.11 -6.94
CA LEU A 256 22.88 1.31 -7.18
C LEU A 256 23.96 2.18 -6.57
N VAL A 257 24.58 1.79 -5.48
CA VAL A 257 25.48 2.49 -4.59
C VAL A 257 25.31 4.01 -4.59
N ASN A 268 21.54 8.52 6.86
CA ASN A 268 22.04 9.88 6.69
C ASN A 268 21.57 10.46 5.37
N LYS A 269 21.40 11.78 5.39
CA LYS A 269 20.69 12.44 4.29
C LYS A 269 21.44 12.34 2.97
N GLU A 270 22.72 12.57 2.93
CA GLU A 270 23.48 12.54 1.70
C GLU A 270 23.40 11.17 1.06
N HIS A 271 23.45 10.16 1.92
CA HIS A 271 23.36 8.80 1.39
C HIS A 271 21.98 8.54 0.81
N ALA A 272 20.94 9.06 1.48
CA ALA A 272 19.58 8.90 0.98
C ALA A 272 19.45 9.56 -0.40
N VAL A 273 20.03 10.74 -0.55
CA VAL A 273 20.04 11.38 -1.88
C VAL A 273 20.72 10.49 -2.90
N GLU A 274 21.86 9.89 -2.57
CA GLU A 274 22.57 9.01 -3.51
C GLU A 274 21.76 7.80 -3.91
N VAL A 275 21.09 7.20 -2.96
CA VAL A 275 20.26 6.01 -3.22
C VAL A 275 19.07 6.40 -4.09
N CYS A 276 18.39 7.50 -3.77
CA CYS A 276 17.25 7.93 -4.59
C CYS A 276 17.66 8.22 -6.02
N THR A 277 18.80 8.92 -6.14
CA THR A 277 19.36 9.22 -7.43
C THR A 277 19.71 7.94 -8.21
N GLY A 278 20.37 6.98 -7.58
CA GLY A 278 20.71 5.70 -8.18
C GLY A 278 19.47 4.93 -8.61
N ALA A 279 18.44 5.00 -7.80
CA ALA A 279 17.20 4.27 -8.05
C ALA A 279 16.49 4.81 -9.27
N LEU A 280 16.68 6.10 -9.46
N LEU A 280 16.67 6.12 -9.52
CA LEU A 280 16.04 6.73 -10.60
CA LEU A 280 16.13 6.72 -10.72
C LEU A 280 16.58 6.18 -11.90
C LEU A 280 16.50 5.96 -11.99
N ARG A 281 17.78 5.56 -12.02
CA ARG A 281 18.21 4.90 -13.25
C ARG A 281 17.40 3.65 -13.56
N LEU A 282 16.80 3.03 -12.57
CA LEU A 282 15.93 1.89 -12.82
C LEU A 282 14.61 2.28 -13.47
N LEU A 283 14.19 3.56 -13.30
CA LEU A 283 13.00 4.08 -13.92
C LEU A 283 13.29 4.64 -15.31
N THR A 284 14.51 5.14 -15.53
CA THR A 284 14.82 5.93 -16.72
C THR A 284 15.72 5.24 -17.70
N ALA A 285 16.37 4.15 -17.30
CA ALA A 285 17.41 3.51 -18.07
C ALA A 285 18.52 4.49 -18.45
N GLY A 286 18.70 5.56 -17.70
CA GLY A 286 19.70 6.60 -17.97
C GLY A 286 19.38 7.36 -19.24
N GLN A 287 18.17 7.27 -19.77
CA GLN A 287 17.75 8.00 -20.91
C GLN A 287 16.80 9.12 -20.47
N ASN A 288 16.67 10.12 -21.28
CA ASN A 288 15.80 11.26 -21.04
C ASN A 288 14.47 10.96 -21.72
N THR A 289 13.43 11.34 -20.98
N THR A 289 13.38 11.31 -21.06
CA THR A 289 12.05 11.20 -21.40
CA THR A 289 12.05 11.07 -21.64
C THR A 289 11.24 12.41 -20.98
C THR A 289 11.17 12.12 -21.00
N SER A 290 10.10 12.48 -21.67
CA SER A 290 9.19 13.53 -21.20
C SER A 290 8.03 12.85 -20.50
N ALA A 291 8.21 12.19 -19.45
CA ALA A 291 7.26 11.67 -18.49
C ALA A 291 7.83 11.87 -17.09
N THR A 292 6.95 11.86 -16.13
CA THR A 292 7.29 11.89 -14.72
C THR A 292 8.19 10.71 -14.38
N LYS A 293 9.28 10.99 -13.71
CA LYS A 293 10.21 9.97 -13.21
C LYS A 293 10.68 10.46 -11.86
N LEU A 294 10.18 9.84 -10.81
CA LEU A 294 10.34 10.30 -9.46
C LEU A 294 10.47 9.14 -8.50
N VAL A 295 11.44 9.16 -7.61
N VAL A 295 11.36 9.27 -7.57
CA VAL A 295 11.48 8.20 -6.53
CA VAL A 295 11.65 8.31 -6.53
C VAL A 295 11.42 8.98 -5.22
C VAL A 295 11.44 8.99 -5.20
N VAL A 296 10.62 8.47 -4.31
CA VAL A 296 10.28 9.07 -3.04
C VAL A 296 10.60 8.10 -1.93
N MET A 297 11.49 8.53 -1.03
CA MET A 297 11.93 7.72 0.08
C MET A 297 11.41 8.37 1.39
N THR A 298 10.53 7.63 2.06
CA THR A 298 10.11 8.01 3.41
C THR A 298 11.19 7.53 4.39
N ARG A 299 11.38 8.30 5.46
N ARG A 299 11.33 8.31 5.45
CA ARG A 299 12.49 8.07 6.36
CA ARG A 299 12.47 8.24 6.35
C ARG A 299 12.12 8.30 7.82
C ARG A 299 12.06 8.44 7.80
N GLY A 300 10.92 7.87 8.20
CA GLY A 300 10.51 7.98 9.61
C GLY A 300 10.23 9.41 9.95
N HIS A 301 10.79 9.85 11.10
CA HIS A 301 10.67 11.21 11.53
C HIS A 301 11.59 12.14 10.76
N ASN A 302 12.52 11.64 9.97
CA ASN A 302 13.48 12.48 9.24
C ASN A 302 12.89 12.97 7.92
N PRO A 303 13.48 13.97 7.30
CA PRO A 303 12.87 14.53 6.09
C PRO A 303 12.73 13.48 5.01
N VAL A 304 11.59 13.59 4.32
CA VAL A 304 11.38 12.80 3.11
C VAL A 304 12.38 13.32 2.04
N ILE A 305 12.96 12.40 1.33
CA ILE A 305 13.90 12.72 0.23
C ILE A 305 13.32 12.16 -1.06
N ALA A 306 13.37 12.92 -2.13
CA ALA A 306 12.92 12.43 -3.39
C ALA A 306 13.87 12.95 -4.48
N ALA A 307 13.95 12.16 -5.53
CA ALA A 307 14.79 12.53 -6.68
C ALA A 307 13.91 12.42 -7.91
N GLU A 308 13.94 13.42 -8.75
CA GLU A 308 13.14 13.47 -9.95
C GLU A 308 14.03 13.77 -11.14
N GLN A 309 13.80 13.12 -12.24
CA GLN A 309 14.57 13.40 -13.46
C GLN A 309 13.69 14.25 -14.34
N THR A 310 14.25 15.34 -14.90
N THR A 310 14.28 15.38 -14.79
CA THR A 310 13.59 16.21 -15.85
CA THR A 310 13.56 16.49 -15.38
C THR A 310 13.83 15.74 -17.27
C THR A 310 13.02 16.26 -16.78
N ALA A 311 13.10 16.39 -18.21
N ALA A 311 13.80 16.16 -17.83
CA ALA A 311 13.20 16.02 -19.64
CA ALA A 311 13.41 16.05 -19.22
C ALA A 311 14.59 16.21 -20.23
C ALA A 311 14.72 15.97 -20.02
N ASP A 312 15.53 16.97 -19.67
CA ASP A 312 16.89 17.14 -20.17
C ASP A 312 17.88 16.33 -19.32
N GLY A 313 17.38 15.51 -18.39
CA GLY A 313 18.28 14.67 -17.58
C GLY A 313 18.71 15.29 -16.28
N THR A 314 18.30 16.50 -15.96
CA THR A 314 18.66 17.07 -14.66
C THR A 314 17.97 16.27 -13.56
N VAL A 315 18.72 16.04 -12.49
CA VAL A 315 18.15 15.32 -11.37
C VAL A 315 17.80 16.38 -10.31
N VAL A 316 16.52 16.59 -9.99
CA VAL A 316 16.05 17.51 -8.99
C VAL A 316 15.88 16.77 -7.67
N VAL A 317 16.51 17.24 -6.62
CA VAL A 317 16.44 16.63 -5.31
C VAL A 317 15.47 17.47 -4.47
N HIS A 318 14.47 16.77 -3.91
CA HIS A 318 13.51 17.35 -3.01
C HIS A 318 13.76 16.86 -1.59
N GLU A 319 13.63 17.78 -0.65
CA GLU A 319 13.78 17.44 0.75
C GLU A 319 12.64 18.12 1.49
N VAL A 320 11.79 17.34 2.14
CA VAL A 320 10.64 17.89 2.85
C VAL A 320 10.65 17.44 4.29
N GLY A 321 10.82 18.40 5.20
CA GLY A 321 10.81 18.06 6.64
C GLY A 321 9.46 17.55 7.06
N VAL A 322 9.49 16.64 8.02
CA VAL A 322 8.29 16.04 8.60
C VAL A 322 7.95 16.86 9.82
N PRO A 323 6.80 17.55 9.85
CA PRO A 323 6.36 18.28 11.05
C PRO A 323 6.39 17.36 12.24
N VAL A 324 6.89 17.92 13.34
CA VAL A 324 7.12 17.05 14.48
C VAL A 324 5.81 16.60 15.12
N VAL A 325 5.78 15.33 15.46
CA VAL A 325 4.72 14.73 16.24
C VAL A 325 5.36 14.19 17.52
N ALA A 326 4.76 14.63 18.64
CA ALA A 326 5.36 14.26 19.92
C ALA A 326 5.23 12.76 20.17
N ALA A 327 6.34 12.23 20.67
CA ALA A 327 6.48 10.81 21.01
C ALA A 327 5.30 10.25 21.76
N GLU A 328 4.88 11.06 22.74
CA GLU A 328 3.82 10.65 23.64
C GLU A 328 2.48 10.56 22.91
N LYS A 329 2.34 11.17 21.74
CA LYS A 329 1.12 11.19 20.96
C LYS A 329 1.03 10.04 19.98
N ILE A 330 2.17 9.43 19.70
CA ILE A 330 2.24 8.35 18.71
C ILE A 330 1.87 7.05 19.36
N VAL A 331 0.93 6.38 18.76
CA VAL A 331 0.53 5.00 19.15
C VAL A 331 1.50 3.94 18.60
N ASP A 332 1.66 3.97 17.27
CA ASP A 332 2.65 3.19 16.57
C ASP A 332 2.71 3.69 15.16
N THR A 333 3.70 3.24 14.39
CA THR A 333 3.80 3.79 13.04
C THR A 333 3.30 2.77 12.00
N ASN A 334 2.60 1.74 12.46
CA ASN A 334 2.05 0.77 11.49
C ASN A 334 1.13 1.45 10.52
N GLY A 335 1.33 1.21 9.23
CA GLY A 335 0.45 1.78 8.23
C GLY A 335 0.84 3.21 7.87
N ALA A 336 1.86 3.83 8.49
CA ALA A 336 2.24 5.20 8.20
C ALA A 336 2.58 5.36 6.71
N GLY A 337 3.31 4.43 6.13
CA GLY A 337 3.66 4.54 4.71
C GLY A 337 2.43 4.41 3.86
N ASP A 338 1.43 3.62 4.25
CA ASP A 338 0.20 3.50 3.47
C ASP A 338 -0.55 4.80 3.48
N ALA A 339 -0.59 5.45 4.63
CA ALA A 339 -1.22 6.76 4.74
C ALA A 339 -0.49 7.81 3.93
N PHE A 340 0.83 7.77 3.98
CA PHE A 340 1.65 8.71 3.19
C PHE A 340 1.26 8.62 1.71
N VAL A 341 1.27 7.37 1.21
CA VAL A 341 0.98 7.18 -0.22
C VAL A 341 -0.39 7.64 -0.51
N GLY A 342 -1.39 7.37 0.32
CA GLY A 342 -2.70 7.85 0.05
C GLY A 342 -2.79 9.37 -0.04
N GLY A 343 -2.17 10.05 0.89
CA GLY A 343 -2.18 11.49 0.80
C GLY A 343 -1.44 12.04 -0.41
N PHE A 344 -0.31 11.41 -0.72
CA PHE A 344 0.46 11.81 -1.88
C PHE A 344 -0.42 11.67 -3.12
N LEU A 345 -1.05 10.53 -3.30
CA LEU A 345 -1.83 10.28 -4.53
C LEU A 345 -3.05 11.18 -4.60
N TYR A 346 -3.68 11.45 -3.44
CA TYR A 346 -4.74 12.44 -3.44
C TYR A 346 -4.24 13.78 -3.94
N ALA A 347 -3.14 14.26 -3.39
CA ALA A 347 -2.64 15.58 -3.83
C ALA A 347 -2.25 15.54 -5.30
N LEU A 348 -1.64 14.41 -5.74
CA LEU A 348 -1.28 14.30 -7.14
C LEU A 348 -2.50 14.40 -8.05
N SER A 349 -3.63 13.85 -7.65
CA SER A 349 -4.87 13.88 -8.40
C SER A 349 -5.39 15.31 -8.51
N GLN A 350 -5.02 16.18 -7.60
CA GLN A 350 -5.39 17.58 -7.52
C GLN A 350 -4.33 18.45 -8.22
N GLY A 351 -3.32 17.86 -8.85
CA GLY A 351 -2.35 18.62 -9.68
C GLY A 351 -1.33 19.37 -8.87
N LYS A 352 -1.14 18.99 -7.62
CA LYS A 352 -0.22 19.66 -6.71
C LYS A 352 1.24 19.33 -7.08
N THR A 353 2.16 20.17 -6.63
CA THR A 353 3.57 19.95 -6.86
C THR A 353 4.09 18.76 -6.08
N VAL A 354 5.29 18.30 -6.43
CA VAL A 354 5.86 17.21 -5.68
C VAL A 354 5.96 17.52 -4.21
N LYS A 355 6.46 18.68 -3.84
CA LYS A 355 6.58 19.03 -2.43
C LYS A 355 5.24 19.05 -1.75
N GLN A 356 4.22 19.59 -2.44
CA GLN A 356 2.89 19.58 -1.83
C GLN A 356 2.35 18.17 -1.68
N CYS A 357 2.64 17.29 -2.62
CA CYS A 357 2.18 15.90 -2.49
C CYS A 357 2.83 15.24 -1.27
N ILE A 358 4.13 15.48 -1.11
CA ILE A 358 4.85 14.93 0.04
C ILE A 358 4.26 15.51 1.32
N MET A 359 3.97 16.80 1.37
CA MET A 359 3.37 17.39 2.53
C MET A 359 2.00 16.81 2.89
N CYS A 360 1.20 16.54 1.87
CA CYS A 360 -0.08 15.88 2.13
C CYS A 360 0.12 14.46 2.69
N GLY A 361 1.06 13.70 2.09
CA GLY A 361 1.39 12.41 2.63
C GLY A 361 1.80 12.45 4.08
N ASN A 362 2.65 13.44 4.38
CA ASN A 362 3.06 13.57 5.77
C ASN A 362 1.95 13.87 6.70
N ALA A 363 1.01 14.71 6.25
CA ALA A 363 -0.13 15.10 7.09
C ALA A 363 -1.01 13.88 7.36
N CYS A 364 -1.22 13.05 6.38
CA CYS A 364 -2.06 11.89 6.55
C CYS A 364 -1.40 10.91 7.47
N ALA A 365 -0.10 10.67 7.27
CA ALA A 365 0.65 9.78 8.17
C ALA A 365 0.66 10.33 9.59
N GLN A 366 0.79 11.64 9.74
N GLN A 366 0.77 11.64 9.78
CA GLN A 366 0.77 12.26 11.06
CA GLN A 366 0.73 12.22 11.12
C GLN A 366 -0.50 11.87 11.83
C GLN A 366 -0.53 11.85 11.90
N ASP A 367 -1.65 11.92 11.17
CA ASP A 367 -2.91 11.59 11.81
C ASP A 367 -2.93 10.08 12.15
N VAL A 368 -2.58 9.21 11.17
CA VAL A 368 -2.70 7.80 11.39
C VAL A 368 -1.83 7.31 12.54
N ILE A 369 -0.64 7.81 12.72
CA ILE A 369 0.24 7.32 13.75
C ILE A 369 -0.21 7.74 15.14
N GLN A 370 -1.12 8.70 15.24
N GLN A 370 -1.13 8.68 15.26
CA GLN A 370 -1.75 9.14 16.49
CA GLN A 370 -1.67 9.05 16.61
C GLN A 370 -3.08 8.44 16.74
C GLN A 370 -2.88 8.22 16.97
N HIS A 371 -3.30 7.29 16.13
CA HIS A 371 -4.47 6.46 16.37
C HIS A 371 -4.10 5.02 16.48
N VAL A 372 -4.90 4.26 17.19
CA VAL A 372 -4.89 2.82 17.13
C VAL A 372 -5.45 2.39 15.80
N GLY A 373 -4.67 1.79 14.96
CA GLY A 373 -5.08 1.38 13.63
C GLY A 373 -5.05 2.49 12.63
N PHE A 374 -5.68 2.20 11.49
CA PHE A 374 -5.58 3.01 10.31
C PHE A 374 -6.74 4.01 10.25
N SER A 375 -6.64 5.05 11.01
CA SER A 375 -7.76 5.97 11.15
C SER A 375 -7.93 6.79 9.89
N LEU A 376 -9.20 7.03 9.49
CA LEU A 376 -9.49 7.91 8.37
C LEU A 376 -10.03 9.28 8.88
N SER A 377 -9.83 9.59 10.13
CA SER A 377 -10.20 10.88 10.69
C SER A 377 -9.02 11.80 10.53
N PHE A 378 -9.04 12.70 9.59
CA PHE A 378 -7.94 13.59 9.28
C PHE A 378 -8.23 14.99 9.79
N THR A 379 -7.19 15.73 10.07
CA THR A 379 -7.14 16.89 11.00
C THR A 379 -6.72 18.16 10.32
#